data_6OID
#
_entry.id   6OID
#
_cell.length_a   158.860
_cell.length_b   163.640
_cell.length_c   70.720
_cell.angle_alpha   90.00
_cell.angle_beta   90.00
_cell.angle_gamma   90.00
#
_symmetry.space_group_name_H-M   'C 2 2 21'
#
loop_
_entity.id
_entity.type
_entity.pdbx_description
1 polymer 'Protein-ribulosamine 3-kinase, chloroplastic'
2 non-polymer "ADENOSINE-5'-DIPHOSPHATE"
3 non-polymer 'SULFATE ION'
4 non-polymer 'CHLORIDE ION'
5 non-polymer 1,2-ETHANEDIOL
6 non-polymer 'DIMETHYL SULFOXIDE'
7 water water
#
_entity_poly.entity_id   1
_entity_poly.type   'polypeptide(L)'
_entity_poly.pdbx_seq_one_letter_code
;MGSSHHHHHHSSGLVPRGSHMAAMSEDPIREWILTEGKATQITKIGSVGGGCINLASHYQTDAGSFFVKTNRSIGPAMFE
GEALGLEAMYETRTIRVPNPHKAGELPTGGSYIIMEFIDFGGSRGNQAELGRKLAEMHKAGKTSKGFGFEVDNTIGSTPQ
INTWSSDWIEFYGEKRLGYQLKLARDQYGDSAIYQKGHTLIQNMAPLFENVVIEPCLLHGDLWSGNIAYDKNNEPVILDP
ACYYGHNEADFGMSWCAGFGESFYNAYFKVMPKQAGYEKRRDLYLLYHYLNHYNLFGSGYRSSAMSIIDDYLRMLKA
;
_entity_poly.pdbx_strand_id   A,B
#
loop_
_chem_comp.id
_chem_comp.type
_chem_comp.name
_chem_comp.formula
ADP non-polymer ADENOSINE-5'-DIPHOSPHATE 'C10 H15 N5 O10 P2'
CL non-polymer 'CHLORIDE ION' 'Cl -1'
DMS non-polymer 'DIMETHYL SULFOXIDE' 'C2 H6 O S'
EDO non-polymer 1,2-ETHANEDIOL 'C2 H6 O2'
SO4 non-polymer 'SULFATE ION' 'O4 S -2'
#
# COMPACT_ATOMS: atom_id res chain seq x y z
N ASP A 27 -26.16 -21.67 -0.67
CA ASP A 27 -25.18 -21.08 0.24
C ASP A 27 -24.05 -22.05 0.56
N PRO A 28 -23.04 -22.09 -0.32
CA PRO A 28 -21.93 -23.05 -0.12
C PRO A 28 -21.09 -22.77 1.14
N ILE A 29 -21.06 -21.55 1.65
CA ILE A 29 -20.28 -21.29 2.86
C ILE A 29 -20.89 -22.02 4.05
N ARG A 30 -22.14 -21.73 4.37
CA ARG A 30 -22.84 -22.49 5.41
C ARG A 30 -22.87 -23.97 5.08
N GLU A 31 -23.13 -24.31 3.82
CA GLU A 31 -23.11 -25.71 3.41
C GLU A 31 -21.79 -26.40 3.78
N TRP A 32 -20.66 -25.81 3.38
CA TRP A 32 -19.36 -26.47 3.64
C TRP A 32 -19.07 -26.55 5.13
N ILE A 33 -19.36 -25.48 5.86
CA ILE A 33 -19.11 -25.45 7.30
C ILE A 33 -19.84 -26.59 8.01
N LEU A 34 -20.97 -27.03 7.47
CA LEU A 34 -21.70 -28.17 8.04
C LEU A 34 -21.47 -29.48 7.29
N THR A 35 -20.96 -29.43 6.05
CA THR A 35 -20.59 -30.67 5.36
C THR A 35 -19.25 -31.16 5.90
N GLU A 36 -18.18 -30.46 5.53
CA GLU A 36 -16.83 -30.84 5.87
C GLU A 36 -16.30 -30.08 7.08
N GLY A 37 -16.90 -28.95 7.44
CA GLY A 37 -16.44 -28.25 8.62
C GLY A 37 -16.84 -28.87 9.94
N LYS A 38 -17.73 -29.88 9.93
CA LYS A 38 -18.10 -30.62 11.14
C LYS A 38 -18.75 -29.76 12.22
N ALA A 39 -19.46 -28.70 11.84
CA ALA A 39 -20.11 -27.84 12.81
C ALA A 39 -21.61 -28.09 12.80
N THR A 40 -22.30 -27.65 13.88
CA THR A 40 -23.76 -27.71 13.89
C THR A 40 -24.48 -26.37 14.14
N GLN A 41 -23.81 -25.36 14.71
CA GLN A 41 -24.43 -24.05 14.79
C GLN A 41 -23.39 -22.95 14.55
N ILE A 42 -23.83 -21.92 13.82
CA ILE A 42 -23.05 -20.72 13.59
C ILE A 42 -23.56 -19.68 14.56
N THR A 43 -22.73 -19.27 15.51
CA THR A 43 -23.21 -18.39 16.56
C THR A 43 -23.02 -16.91 16.23
N LYS A 44 -22.09 -16.58 15.34
CA LYS A 44 -21.83 -15.19 14.99
C LYS A 44 -21.03 -15.16 13.70
N ILE A 45 -21.20 -14.06 12.94
CA ILE A 45 -20.40 -13.80 11.74
C ILE A 45 -19.96 -12.35 11.81
N GLY A 46 -18.65 -12.13 11.95
CA GLY A 46 -18.08 -10.80 12.01
C GLY A 46 -17.36 -10.48 10.71
N SER A 47 -17.74 -9.34 10.12
CA SER A 47 -17.33 -8.96 8.77
C SER A 47 -16.73 -7.57 8.76
N VAL A 48 -15.61 -7.42 8.04
CA VAL A 48 -15.01 -6.12 7.74
C VAL A 48 -14.75 -6.06 6.24
N GLY A 49 -14.45 -4.86 5.76
CA GLY A 49 -14.18 -4.67 4.34
C GLY A 49 -15.45 -4.47 3.52
N GLY A 50 -15.42 -4.88 2.25
CA GLY A 50 -16.59 -4.88 1.41
C GLY A 50 -16.97 -3.57 0.76
N GLY A 51 -16.29 -2.48 1.05
CA GLY A 51 -16.61 -1.23 0.39
C GLY A 51 -16.25 -1.24 -1.09
N CYS A 52 -16.71 -0.20 -1.80
CA CYS A 52 -16.31 0.01 -3.18
C CYS A 52 -15.36 1.21 -3.25
N ILE A 53 -14.38 1.11 -4.13
CA ILE A 53 -13.37 2.14 -4.29
C ILE A 53 -13.89 3.29 -5.14
N ASN A 54 -13.12 4.37 -5.19
CA ASN A 54 -13.52 5.52 -5.98
C ASN A 54 -13.44 5.27 -7.49
N LEU A 55 -14.43 5.78 -8.20
CA LEU A 55 -14.35 5.93 -9.65
C LEU A 55 -13.59 7.21 -9.97
N ALA A 56 -12.57 7.10 -10.81
CA ALA A 56 -11.74 8.23 -11.21
C ALA A 56 -11.94 8.52 -12.70
N SER A 57 -12.25 9.77 -13.03
CA SER A 57 -12.70 10.13 -14.37
C SER A 57 -11.92 11.32 -14.95
N HIS A 58 -11.57 11.19 -16.22
CA HIS A 58 -11.00 12.27 -17.01
C HIS A 58 -12.11 12.85 -17.89
N TYR A 59 -12.50 14.11 -17.62
CA TYR A 59 -13.52 14.79 -18.41
C TYR A 59 -12.84 15.72 -19.41
N GLN A 60 -13.10 15.54 -20.68
CA GLN A 60 -12.55 16.39 -21.67
C GLN A 60 -13.64 17.31 -22.11
N THR A 61 -13.40 18.60 -22.12
CA THR A 61 -14.40 19.59 -22.51
C THR A 61 -13.79 20.58 -23.50
N ASP A 62 -14.64 21.47 -24.05
CA ASP A 62 -14.15 22.53 -24.93
C ASP A 62 -13.41 23.61 -24.15
N ALA A 63 -13.36 23.53 -22.83
CA ALA A 63 -12.59 24.46 -22.01
C ALA A 63 -11.41 23.77 -21.32
N GLY A 64 -10.96 22.65 -21.84
CA GLY A 64 -9.89 21.90 -21.22
C GLY A 64 -10.39 20.77 -20.33
N SER A 65 -9.44 20.13 -19.65
CA SER A 65 -9.72 18.90 -18.92
C SER A 65 -10.10 19.17 -17.47
N PHE A 66 -10.83 18.21 -16.87
CA PHE A 66 -11.07 18.18 -15.43
C PHE A 66 -10.92 16.76 -14.90
N PHE A 67 -10.50 16.67 -13.63
CA PHE A 67 -10.35 15.39 -12.97
C PHE A 67 -11.44 15.26 -11.91
N VAL A 68 -12.13 14.15 -11.92
CA VAL A 68 -13.31 13.93 -11.11
C VAL A 68 -13.21 12.57 -10.43
N LYS A 69 -13.53 12.54 -9.14
CA LYS A 69 -13.70 11.29 -8.40
C LYS A 69 -15.10 11.23 -7.82
N THR A 70 -15.73 10.07 -7.92
CA THR A 70 -17.05 9.84 -7.37
C THR A 70 -17.03 8.57 -6.52
N ASN A 71 -17.94 8.53 -5.55
CA ASN A 71 -18.16 7.30 -4.80
C ASN A 71 -19.62 7.31 -4.39
N ARG A 72 -20.40 6.36 -4.92
CA ARG A 72 -21.84 6.34 -4.71
C ARG A 72 -22.23 5.93 -3.31
N SER A 73 -21.30 5.38 -2.53
CA SER A 73 -21.65 4.86 -1.21
C SER A 73 -21.48 5.86 -0.08
N ILE A 74 -20.56 6.82 -0.22
CA ILE A 74 -20.05 7.63 0.88
C ILE A 74 -20.62 9.04 0.82
N GLY A 75 -20.92 9.61 1.99
CA GLY A 75 -21.28 11.00 2.13
C GLY A 75 -20.08 11.91 1.94
N PRO A 76 -20.35 13.22 1.79
CA PRO A 76 -19.33 14.15 1.25
C PRO A 76 -18.20 14.54 2.19
N ALA A 77 -18.20 14.11 3.46
CA ALA A 77 -17.21 14.61 4.42
C ALA A 77 -15.78 14.31 3.97
N MET A 78 -15.54 13.11 3.43
CA MET A 78 -14.18 12.77 3.04
C MET A 78 -13.68 13.66 1.89
N PHE A 79 -14.47 13.83 0.82
CA PHE A 79 -14.02 14.67 -0.29
C PHE A 79 -13.92 16.13 0.11
N GLU A 80 -14.80 16.61 0.98
CA GLU A 80 -14.70 17.99 1.43
C GLU A 80 -13.40 18.23 2.20
N GLY A 81 -12.99 17.25 3.01
CA GLY A 81 -11.70 17.37 3.69
C GLY A 81 -10.53 17.34 2.72
N GLU A 82 -10.63 16.50 1.68
CA GLU A 82 -9.61 16.48 0.64
C GLU A 82 -9.50 17.83 -0.07
N ALA A 83 -10.65 18.44 -0.42
CA ALA A 83 -10.63 19.72 -1.13
C ALA A 83 -9.99 20.82 -0.28
N LEU A 84 -10.34 20.89 1.00
CA LEU A 84 -9.74 21.91 1.85
C LEU A 84 -8.25 21.64 2.10
N GLY A 85 -7.85 20.36 2.14
CA GLY A 85 -6.43 20.07 2.24
C GLY A 85 -5.67 20.52 1.01
N LEU A 86 -6.19 20.20 -0.17
CA LEU A 86 -5.55 20.63 -1.40
C LEU A 86 -5.44 22.15 -1.36
N GLU A 87 -6.56 22.83 -1.13
CA GLU A 87 -6.54 24.29 -1.13
C GLU A 87 -5.46 24.91 -0.25
N ALA A 88 -5.32 24.40 0.99
CA ALA A 88 -4.27 24.90 1.88
C ALA A 88 -2.88 24.68 1.28
N MET A 89 -2.60 23.47 0.77
CA MET A 89 -1.29 23.23 0.17
C MET A 89 -1.09 24.06 -1.09
N TYR A 90 -2.17 24.22 -1.87
CA TYR A 90 -2.09 25.00 -3.09
C TYR A 90 -1.69 26.45 -2.80
N GLU A 91 -2.25 27.05 -1.75
CA GLU A 91 -2.00 28.46 -1.48
C GLU A 91 -0.60 28.75 -0.94
N THR A 92 0.14 27.75 -0.45
CA THR A 92 1.51 28.02 -0.03
C THR A 92 2.41 28.37 -1.21
N ARG A 93 2.01 28.00 -2.43
CA ARG A 93 2.80 28.30 -3.63
C ARG A 93 4.22 27.71 -3.53
N THR A 94 4.30 26.46 -3.13
CA THR A 94 5.56 25.72 -3.09
C THR A 94 5.67 24.42 -3.88
N ILE A 95 5.02 23.36 -3.40
CA ILE A 95 5.05 22.07 -4.08
C ILE A 95 3.78 22.07 -4.92
N ARG A 96 3.84 21.46 -6.10
CA ARG A 96 2.68 21.45 -6.99
C ARG A 96 1.61 20.48 -6.51
N VAL A 97 0.36 20.95 -6.41
CA VAL A 97 -0.78 20.09 -6.13
C VAL A 97 -1.91 20.48 -7.09
N PRO A 98 -2.83 19.55 -7.37
CA PRO A 98 -3.96 19.91 -8.23
C PRO A 98 -4.80 20.99 -7.57
N ASN A 99 -5.17 21.98 -8.36
CA ASN A 99 -6.07 23.02 -7.87
C ASN A 99 -7.47 22.45 -7.69
N PRO A 100 -8.04 22.47 -6.49
CA PRO A 100 -9.38 21.89 -6.29
C PRO A 100 -10.46 22.87 -6.68
N HIS A 101 -11.57 22.34 -7.20
CA HIS A 101 -12.66 23.18 -7.70
C HIS A 101 -13.95 23.04 -6.91
N LYS A 102 -14.41 21.82 -6.64
CA LYS A 102 -15.67 21.67 -5.95
C LYS A 102 -15.80 20.25 -5.42
N ALA A 103 -16.36 20.11 -4.23
CA ALA A 103 -16.71 18.83 -3.64
C ALA A 103 -18.14 18.92 -3.16
N GLY A 104 -18.82 17.79 -3.11
CA GLY A 104 -20.20 17.79 -2.65
C GLY A 104 -20.83 16.42 -2.78
N GLU A 105 -22.16 16.42 -2.70
CA GLU A 105 -22.95 15.20 -2.61
C GLU A 105 -23.64 14.93 -3.94
N LEU A 106 -23.71 13.67 -4.32
CA LEU A 106 -24.44 13.26 -5.52
C LEU A 106 -25.92 13.09 -5.18
N PRO A 107 -26.83 13.65 -5.99
CA PRO A 107 -28.26 13.51 -5.64
C PRO A 107 -28.70 12.05 -5.60
N THR A 108 -28.14 11.21 -6.46
CA THR A 108 -28.43 9.78 -6.40
C THR A 108 -27.97 9.13 -5.10
N GLY A 109 -27.02 9.75 -4.40
CA GLY A 109 -26.44 9.17 -3.19
C GLY A 109 -24.95 9.03 -3.44
N GLY A 110 -24.17 9.44 -2.44
CA GLY A 110 -22.71 9.48 -2.54
C GLY A 110 -22.18 10.88 -2.74
N SER A 111 -20.91 10.95 -3.13
CA SER A 111 -20.21 12.22 -3.15
C SER A 111 -19.23 12.28 -4.32
N TYR A 112 -18.75 13.49 -4.59
CA TYR A 112 -17.82 13.74 -5.68
C TYR A 112 -16.84 14.83 -5.32
N ILE A 113 -15.76 14.88 -6.08
CA ILE A 113 -14.86 16.03 -6.07
C ILE A 113 -14.39 16.31 -7.50
N ILE A 114 -14.26 17.60 -7.82
CA ILE A 114 -13.73 18.08 -9.10
C ILE A 114 -12.44 18.86 -8.84
N MET A 115 -11.39 18.55 -9.59
CA MET A 115 -10.13 19.27 -9.44
C MET A 115 -9.41 19.37 -10.79
N GLU A 116 -8.32 20.12 -10.78
CA GLU A 116 -7.45 20.25 -11.93
C GLU A 116 -6.94 18.91 -12.44
N PHE A 117 -6.92 18.76 -13.76
CA PHE A 117 -6.33 17.59 -14.39
C PHE A 117 -4.86 17.85 -14.70
N ILE A 118 -4.00 16.94 -14.28
CA ILE A 118 -2.56 17.05 -14.51
C ILE A 118 -2.07 15.80 -15.24
N ASP A 119 -1.22 16.00 -16.24
CA ASP A 119 -0.66 14.89 -17.00
C ASP A 119 0.60 14.37 -16.32
N PHE A 120 0.46 13.19 -15.73
CA PHE A 120 1.55 12.50 -15.04
C PHE A 120 2.39 11.71 -16.05
N GLY A 121 3.59 11.30 -15.64
CA GLY A 121 4.45 10.54 -16.51
C GLY A 121 5.85 11.10 -16.70
N GLY A 122 6.43 11.60 -15.61
CA GLY A 122 7.77 12.15 -15.69
C GLY A 122 8.75 11.06 -16.07
N SER A 123 9.64 11.36 -17.01
CA SER A 123 10.59 10.37 -17.52
C SER A 123 11.62 9.78 -16.55
N ARG A 124 12.26 10.64 -15.76
CA ARG A 124 13.25 10.16 -14.80
C ARG A 124 12.74 10.09 -13.38
N GLY A 125 11.95 11.09 -13.01
CA GLY A 125 11.39 11.18 -11.67
C GLY A 125 12.39 11.98 -10.86
N ASN A 126 12.02 12.75 -9.85
CA ASN A 126 13.01 13.62 -9.16
C ASN A 126 12.99 13.76 -7.61
N GLN A 127 13.71 12.88 -6.92
CA GLN A 127 13.77 12.84 -5.45
C GLN A 127 14.21 14.03 -4.65
N ALA A 128 15.32 14.62 -5.00
CA ALA A 128 15.79 15.80 -4.30
C ALA A 128 14.80 16.95 -4.44
N GLU A 129 14.21 17.09 -5.63
CA GLU A 129 13.19 18.12 -5.79
C GLU A 129 11.97 17.85 -4.92
N LEU A 130 11.62 16.58 -4.71
CA LEU A 130 10.52 16.29 -3.80
C LEU A 130 10.85 16.72 -2.38
N GLY A 131 12.07 16.46 -1.92
CA GLY A 131 12.46 16.86 -0.57
C GLY A 131 12.54 18.36 -0.40
N ARG A 132 13.10 19.04 -1.38
CA ARG A 132 13.17 20.49 -1.36
C ARG A 132 11.74 21.02 -1.22
N LYS A 133 10.89 20.72 -2.21
CA LYS A 133 9.57 21.34 -2.28
C LYS A 133 8.74 21.06 -1.04
N LEU A 134 8.89 19.85 -0.50
CA LEU A 134 8.14 19.48 0.69
C LEU A 134 8.59 20.30 1.90
N ALA A 135 9.90 20.47 2.06
CA ALA A 135 10.42 21.26 3.16
C ALA A 135 9.97 22.72 3.04
N GLU A 136 9.96 23.25 1.81
CA GLU A 136 9.43 24.60 1.59
C GLU A 136 7.96 24.70 1.98
N MET A 137 7.17 23.64 1.75
CA MET A 137 5.76 23.69 2.14
C MET A 137 5.62 23.71 3.66
N HIS A 138 6.41 22.88 4.36
CA HIS A 138 6.44 22.94 5.82
C HIS A 138 6.81 24.32 6.31
N LYS A 139 7.77 24.97 5.65
CA LYS A 139 8.24 26.26 6.11
C LYS A 139 7.23 27.37 5.81
N ALA A 140 6.64 27.36 4.62
CA ALA A 140 5.70 28.41 4.25
C ALA A 140 4.34 28.26 4.91
N GLY A 141 3.89 27.03 5.16
CA GLY A 141 2.57 26.84 5.70
C GLY A 141 2.45 27.05 7.20
N LYS A 142 1.87 28.19 7.61
CA LYS A 142 1.83 28.61 9.00
C LYS A 142 0.41 28.92 9.43
N THR A 143 0.23 28.97 10.75
CA THR A 143 -1.06 29.25 11.35
C THR A 143 -0.85 29.94 12.70
N SER A 144 -1.78 30.83 13.02
CA SER A 144 -1.84 31.49 14.32
C SER A 144 -2.70 30.77 15.34
N LYS A 145 -3.35 29.67 14.93
CA LYS A 145 -4.33 28.97 15.77
C LYS A 145 -3.75 27.77 16.51
N GLY A 146 -2.48 27.43 16.30
CA GLY A 146 -1.88 26.30 16.99
C GLY A 146 -1.86 25.04 16.16
N PHE A 147 -1.90 23.88 16.82
CA PHE A 147 -1.86 22.59 16.14
C PHE A 147 -3.27 22.09 15.88
N GLY A 148 -3.51 21.59 14.67
CA GLY A 148 -4.84 21.18 14.29
C GLY A 148 -5.16 21.64 12.89
N PHE A 149 -6.45 21.86 12.61
CA PHE A 149 -6.89 22.24 11.27
C PHE A 149 -8.30 22.86 11.37
N GLU A 150 -8.71 23.50 10.29
CA GLU A 150 -10.00 24.18 10.25
C GLU A 150 -11.17 23.22 10.44
N VAL A 151 -11.06 21.99 9.94
CA VAL A 151 -12.10 20.97 10.06
C VAL A 151 -11.46 19.63 10.41
N ASP A 152 -12.25 18.75 11.03
CA ASP A 152 -11.86 17.35 11.09
C ASP A 152 -11.90 16.77 9.68
N ASN A 153 -10.97 15.85 9.39
CA ASN A 153 -10.93 15.17 8.11
C ASN A 153 -10.69 13.69 8.35
N THR A 154 -10.07 13.00 7.41
CA THR A 154 -9.93 11.55 7.54
C THR A 154 -8.55 11.15 7.07
N ILE A 155 -8.03 10.08 7.66
CA ILE A 155 -6.77 9.48 7.23
C ILE A 155 -7.13 8.08 6.73
N GLY A 156 -7.11 7.91 5.41
CA GLY A 156 -7.81 6.77 4.84
C GLY A 156 -9.30 7.04 5.06
N SER A 157 -10.02 6.05 5.58
CA SER A 157 -11.41 6.28 5.95
C SER A 157 -11.60 6.63 7.43
N THR A 158 -10.54 6.59 8.24
CA THR A 158 -10.66 6.85 9.68
C THR A 158 -10.76 8.36 9.95
N PRO A 159 -11.66 8.80 10.82
CA PRO A 159 -11.69 10.22 11.20
C PRO A 159 -10.35 10.66 11.78
N GLN A 160 -9.98 11.90 11.46
CA GLN A 160 -8.77 12.51 11.98
C GLN A 160 -9.21 13.79 12.70
N ILE A 161 -9.10 13.77 14.04
CA ILE A 161 -9.60 14.84 14.89
C ILE A 161 -8.60 16.00 14.91
N ASN A 162 -9.07 17.21 14.63
CA ASN A 162 -8.17 18.34 14.37
C ASN A 162 -8.47 19.54 15.27
N THR A 163 -9.04 19.27 16.44
CA THR A 163 -9.37 20.33 17.39
C THR A 163 -8.12 21.11 17.76
N TRP A 164 -8.21 22.43 17.66
CA TRP A 164 -7.04 23.28 17.85
C TRP A 164 -6.47 23.13 19.24
N SER A 165 -5.15 22.96 19.30
CA SER A 165 -4.41 22.85 20.55
C SER A 165 -3.13 23.67 20.45
N SER A 166 -2.63 24.11 21.61
CA SER A 166 -1.43 24.95 21.66
C SER A 166 -0.18 24.19 22.10
N ASP A 167 -0.33 22.96 22.60
CA ASP A 167 0.80 22.12 23.01
C ASP A 167 0.82 20.90 22.10
N TRP A 168 1.98 20.64 21.47
CA TRP A 168 2.07 19.54 20.51
C TRP A 168 2.04 18.18 21.21
N ILE A 169 2.78 18.04 22.31
CA ILE A 169 2.83 16.78 23.05
C ILE A 169 1.42 16.35 23.44
N GLU A 170 0.58 17.33 23.76
CA GLU A 170 -0.80 17.11 24.14
C GLU A 170 -1.66 16.76 22.93
N PHE A 171 -1.52 17.53 21.86
CA PHE A 171 -2.29 17.25 20.65
C PHE A 171 -1.98 15.86 20.10
N TYR A 172 -0.68 15.54 19.98
CA TYR A 172 -0.31 14.27 19.37
C TYR A 172 -0.71 13.10 20.26
N GLY A 173 -0.55 13.26 21.58
CA GLY A 173 -0.88 12.19 22.51
C GLY A 173 -2.37 11.88 22.57
N GLU A 174 -3.21 12.91 22.48
CA GLU A 174 -4.65 12.71 22.62
C GLU A 174 -5.32 12.49 21.27
N LYS A 175 -5.18 13.47 20.37
CA LYS A 175 -5.91 13.47 19.11
C LYS A 175 -5.26 12.62 18.01
N ARG A 176 -4.09 12.03 18.24
CA ARG A 176 -3.52 11.10 17.27
C ARG A 176 -3.37 9.70 17.87
N LEU A 177 -2.34 9.48 18.70
CA LEU A 177 -2.14 8.17 19.31
C LEU A 177 -3.35 7.74 20.16
N GLY A 178 -3.84 8.62 21.04
CA GLY A 178 -4.88 8.23 21.98
C GLY A 178 -6.19 7.87 21.29
N TYR A 179 -6.57 8.64 20.28
CA TYR A 179 -7.75 8.30 19.50
C TYR A 179 -7.62 6.94 18.84
N GLN A 180 -6.44 6.66 18.26
CA GLN A 180 -6.23 5.37 17.60
C GLN A 180 -6.27 4.21 18.60
N LEU A 181 -5.74 4.42 19.82
CA LEU A 181 -5.75 3.38 20.84
C LEU A 181 -7.17 3.05 21.30
N LYS A 182 -7.99 4.08 21.54
CA LYS A 182 -9.38 3.85 21.94
C LYS A 182 -10.12 3.07 20.87
N LEU A 183 -9.95 3.47 19.62
CA LEU A 183 -10.59 2.80 18.51
C LEU A 183 -10.13 1.35 18.47
N ALA A 184 -8.84 1.10 18.70
CA ALA A 184 -8.36 -0.28 18.67
C ALA A 184 -8.94 -1.09 19.82
N ARG A 185 -9.13 -0.47 20.98
CA ARG A 185 -9.72 -1.19 22.11
C ARG A 185 -11.16 -1.57 21.80
N ASP A 186 -11.88 -0.70 21.10
CA ASP A 186 -13.30 -0.94 20.83
C ASP A 186 -13.53 -1.97 19.73
N GLN A 187 -12.69 -1.98 18.70
CA GLN A 187 -12.89 -2.89 17.58
C GLN A 187 -12.45 -4.31 17.91
N TYR A 188 -11.42 -4.47 18.74
CA TYR A 188 -10.77 -5.75 18.92
C TYR A 188 -10.72 -6.22 20.36
N GLY A 189 -11.30 -5.47 21.30
CA GLY A 189 -11.07 -5.76 22.71
C GLY A 189 -9.61 -5.81 23.09
N ASP A 190 -8.76 -5.03 22.40
CA ASP A 190 -7.31 -5.03 22.63
C ASP A 190 -6.99 -4.07 23.77
N SER A 191 -7.29 -4.52 24.99
CA SER A 191 -7.00 -3.67 26.13
C SER A 191 -5.51 -3.64 26.46
N ALA A 192 -4.73 -4.63 26.00
CA ALA A 192 -3.30 -4.59 26.24
C ALA A 192 -2.63 -3.44 25.50
N ILE A 193 -2.91 -3.30 24.19
CA ILE A 193 -2.30 -2.19 23.45
C ILE A 193 -2.79 -0.87 24.02
N TYR A 194 -4.04 -0.82 24.49
CA TYR A 194 -4.57 0.41 25.05
C TYR A 194 -3.85 0.81 26.33
N GLN A 195 -3.51 -0.17 27.18
CA GLN A 195 -2.89 0.17 28.45
C GLN A 195 -1.42 0.53 28.27
N LYS A 196 -0.67 -0.32 27.54
CA LYS A 196 0.70 0.02 27.22
C LYS A 196 0.77 1.32 26.43
N GLY A 197 -0.19 1.54 25.54
CA GLY A 197 -0.22 2.77 24.77
C GLY A 197 -0.34 4.01 25.66
N HIS A 198 -1.26 3.98 26.62
CA HIS A 198 -1.44 5.15 27.47
CA HIS A 198 -1.44 5.15 27.47
C HIS A 198 -0.32 5.31 28.47
N THR A 199 0.42 4.23 28.76
CA THR A 199 1.64 4.37 29.55
C THR A 199 2.69 5.17 28.77
N LEU A 200 2.87 4.84 27.49
CA LEU A 200 3.79 5.59 26.63
C LEU A 200 3.39 7.06 26.53
N ILE A 201 2.11 7.32 26.25
CA ILE A 201 1.62 8.69 26.12
C ILE A 201 1.91 9.50 27.37
N GLN A 202 1.76 8.88 28.55
CA GLN A 202 1.97 9.62 29.79
C GLN A 202 3.44 9.87 30.08
N ASN A 203 4.34 9.02 29.56
CA ASN A 203 5.78 9.16 29.72
C ASN A 203 6.48 9.70 28.46
N MET A 204 5.77 10.46 27.63
CA MET A 204 6.23 10.79 26.28
C MET A 204 7.25 11.93 26.25
N ALA A 205 7.12 12.91 27.15
CA ALA A 205 7.90 14.15 27.07
C ALA A 205 9.41 13.99 26.88
N PRO A 206 10.11 13.06 27.54
CA PRO A 206 11.56 12.96 27.29
C PRO A 206 11.96 12.76 25.83
N LEU A 207 11.07 12.20 25.01
CA LEU A 207 11.38 12.02 23.59
C LEU A 207 11.50 13.36 22.87
N PHE A 208 10.96 14.41 23.46
CA PHE A 208 10.94 15.72 22.84
C PHE A 208 12.06 16.65 23.32
N GLU A 209 12.78 16.28 24.38
CA GLU A 209 14.04 16.95 24.76
C GLU A 209 13.87 18.46 24.86
N ASN A 210 12.67 18.90 25.24
CA ASN A 210 12.27 20.28 25.50
C ASN A 210 12.34 21.19 24.28
N VAL A 211 12.43 20.63 23.07
CA VAL A 211 12.52 21.48 21.90
C VAL A 211 11.18 22.19 21.67
N VAL A 212 11.26 23.37 21.11
CA VAL A 212 10.09 24.15 20.74
C VAL A 212 9.66 23.71 19.34
N ILE A 213 8.37 23.56 19.14
CA ILE A 213 7.81 22.95 17.94
C ILE A 213 6.91 23.97 17.27
N GLU A 214 7.24 24.33 16.03
CA GLU A 214 6.43 25.29 15.28
C GLU A 214 5.41 24.55 14.41
N PRO A 215 4.16 25.03 14.38
CA PRO A 215 3.17 24.39 13.50
C PRO A 215 3.57 24.51 12.04
N CYS A 216 3.54 23.40 11.33
CA CYS A 216 3.81 23.36 9.90
C CYS A 216 2.64 22.71 9.18
N LEU A 217 2.30 23.22 8.02
CA LEU A 217 1.31 22.56 7.17
C LEU A 217 1.85 21.21 6.72
N LEU A 218 1.20 20.12 7.16
CA LEU A 218 1.57 18.75 6.82
C LEU A 218 0.64 18.16 5.75
N HIS A 219 1.21 17.36 4.85
CA HIS A 219 0.39 16.57 3.94
C HIS A 219 -0.39 15.50 4.70
N GLY A 220 0.25 14.77 5.60
CA GLY A 220 -0.43 13.87 6.51
C GLY A 220 -0.58 12.42 6.09
N ASP A 221 -0.27 12.09 4.82
CA ASP A 221 -0.39 10.71 4.36
C ASP A 221 0.53 10.48 3.18
N LEU A 222 1.82 10.72 3.36
CA LEU A 222 2.73 10.86 2.23
C LEU A 222 3.42 9.51 1.97
N TRP A 223 2.91 8.76 0.99
CA TRP A 223 3.54 7.51 0.56
C TRP A 223 3.51 7.48 -0.97
N SER A 224 4.01 6.37 -1.55
CA SER A 224 4.24 6.31 -3.01
C SER A 224 2.98 6.53 -3.82
N GLY A 225 1.84 5.99 -3.37
CA GLY A 225 0.61 6.15 -4.11
C GLY A 225 0.07 7.57 -4.17
N ASN A 226 0.62 8.49 -3.37
CA ASN A 226 0.16 9.89 -3.31
C ASN A 226 1.17 10.85 -3.90
N ILE A 227 2.22 10.35 -4.55
CA ILE A 227 3.29 11.16 -5.12
C ILE A 227 3.34 10.88 -6.62
N ALA A 228 3.54 11.92 -7.42
CA ALA A 228 3.60 11.77 -8.86
C ALA A 228 4.51 12.84 -9.42
N TYR A 229 4.82 12.74 -10.72
CA TYR A 229 5.70 13.71 -11.38
C TYR A 229 5.06 14.18 -12.68
N ASP A 230 5.16 15.48 -12.96
CA ASP A 230 4.50 16.05 -14.12
C ASP A 230 5.47 16.07 -15.32
N LYS A 231 5.12 16.82 -16.36
CA LYS A 231 5.88 16.82 -17.61
C LYS A 231 7.27 17.43 -17.45
N ASN A 232 7.46 18.40 -16.56
CA ASN A 232 8.78 18.96 -16.24
C ASN A 232 9.54 18.14 -15.19
N ASN A 233 9.10 16.91 -14.86
CA ASN A 233 9.70 16.10 -13.79
C ASN A 233 9.73 16.85 -12.46
N GLU A 234 8.69 17.65 -12.20
CA GLU A 234 8.48 18.27 -10.91
C GLU A 234 7.49 17.44 -10.07
N PRO A 235 7.66 17.40 -8.75
CA PRO A 235 6.74 16.59 -7.93
C PRO A 235 5.35 17.19 -7.80
N VAL A 236 4.38 16.29 -7.65
CA VAL A 236 2.98 16.62 -7.39
C VAL A 236 2.51 15.70 -6.29
N ILE A 237 1.84 16.23 -5.26
CA ILE A 237 1.33 15.35 -4.21
C ILE A 237 -0.18 15.46 -4.14
N LEU A 238 -0.84 14.35 -3.74
CA LEU A 238 -2.27 14.12 -3.90
C LEU A 238 -2.89 13.51 -2.64
N ASP A 239 -4.22 13.54 -2.57
CA ASP A 239 -4.98 12.88 -1.51
C ASP A 239 -4.48 13.20 -0.10
N PRO A 240 -4.47 14.47 0.29
CA PRO A 240 -3.92 14.80 1.60
C PRO A 240 -4.83 14.36 2.73
N ALA A 241 -4.25 14.34 3.93
CA ALA A 241 -4.93 14.30 5.22
C ALA A 241 -4.34 15.40 6.11
N CYS A 242 -4.48 16.65 5.66
CA CYS A 242 -3.71 17.79 6.15
C CYS A 242 -4.02 18.17 7.58
N TYR A 243 -3.01 18.78 8.22
CA TYR A 243 -3.19 19.53 9.45
C TYR A 243 -1.88 20.24 9.76
N TYR A 244 -1.91 21.07 10.79
CA TYR A 244 -0.74 21.81 11.24
C TYR A 244 -0.10 21.05 12.40
N GLY A 245 1.14 20.62 12.21
CA GLY A 245 1.76 19.77 13.20
C GLY A 245 3.27 19.86 13.15
N HIS A 246 3.89 18.94 13.88
CA HIS A 246 5.34 18.82 13.85
C HIS A 246 5.79 18.36 12.47
N ASN A 247 6.73 19.09 11.87
CA ASN A 247 7.15 18.75 10.51
C ASN A 247 7.64 17.30 10.42
N GLU A 248 8.28 16.78 11.49
CA GLU A 248 8.76 15.41 11.43
C GLU A 248 7.64 14.38 11.28
N ALA A 249 6.40 14.73 11.63
CA ALA A 249 5.33 13.73 11.50
C ALA A 249 4.99 13.43 10.05
N ASP A 250 5.45 14.21 9.10
CA ASP A 250 5.17 13.93 7.72
C ASP A 250 5.96 12.77 7.17
N PHE A 251 6.90 12.24 7.91
CA PHE A 251 7.67 11.07 7.49
C PHE A 251 7.08 9.76 8.04
N GLY A 252 5.93 9.83 8.71
CA GLY A 252 5.34 8.64 9.32
C GLY A 252 4.87 7.57 8.37
N MET A 253 4.80 7.83 7.05
CA MET A 253 4.46 6.79 6.09
C MET A 253 5.67 6.33 5.28
N SER A 254 6.88 6.66 5.74
CA SER A 254 8.07 6.43 4.92
C SER A 254 8.33 4.95 4.66
N TRP A 255 7.81 4.06 5.50
CA TRP A 255 8.00 2.64 5.29
C TRP A 255 7.36 2.12 4.00
N CYS A 256 6.51 2.93 3.33
CA CYS A 256 5.96 2.61 2.02
C CYS A 256 6.16 3.75 1.06
N ALA A 257 7.25 4.50 1.20
CA ALA A 257 7.44 5.69 0.41
C ALA A 257 8.64 5.64 -0.52
N GLY A 258 9.62 4.78 -0.25
CA GLY A 258 10.82 4.81 -1.07
C GLY A 258 11.54 6.15 -1.08
N PHE A 259 11.75 6.75 0.08
CA PHE A 259 12.51 8.00 0.16
C PHE A 259 14.00 7.66 0.04
N GLY A 260 14.66 8.20 -1.00
CA GLY A 260 16.08 8.00 -1.17
C GLY A 260 16.91 8.90 -0.25
N GLU A 261 18.23 8.70 -0.30
CA GLU A 261 19.10 9.56 0.48
C GLU A 261 19.10 10.98 -0.07
N SER A 262 18.91 11.13 -1.38
CA SER A 262 18.79 12.46 -1.95
C SER A 262 17.53 13.16 -1.48
N PHE A 263 16.51 12.42 -1.06
CA PHE A 263 15.32 13.05 -0.50
C PHE A 263 15.67 13.78 0.79
N TYR A 264 16.25 13.06 1.75
CA TYR A 264 16.56 13.65 3.04
C TYR A 264 17.66 14.71 2.94
N ASN A 265 18.60 14.57 2.01
CA ASN A 265 19.65 15.57 1.88
C ASN A 265 19.09 16.90 1.41
N ALA A 266 18.10 16.87 0.52
CA ALA A 266 17.49 18.09 0.02
C ALA A 266 16.56 18.70 1.06
N TYR A 267 15.84 17.83 1.79
CA TYR A 267 14.94 18.29 2.84
C TYR A 267 15.69 19.09 3.91
N PHE A 268 16.74 18.51 4.49
CA PHE A 268 17.43 19.17 5.58
C PHE A 268 18.30 20.33 5.15
N LYS A 269 18.44 20.57 3.85
CA LYS A 269 19.01 21.84 3.38
C LYS A 269 18.06 23.02 3.66
N VAL A 270 16.74 22.80 3.53
CA VAL A 270 15.76 23.85 3.74
C VAL A 270 15.37 23.99 5.21
N MET A 271 15.31 22.88 5.94
CA MET A 271 14.82 22.81 7.31
C MET A 271 15.88 22.33 8.28
N PRO A 272 16.18 23.08 9.35
CA PRO A 272 17.18 22.59 10.33
C PRO A 272 16.62 21.44 11.14
N LYS A 273 17.44 20.38 11.26
CA LYS A 273 17.08 19.18 12.00
C LYS A 273 17.17 19.46 13.51
N GLN A 274 16.13 19.08 14.26
CA GLN A 274 16.07 19.33 15.69
C GLN A 274 16.46 18.10 16.49
N ALA A 275 17.03 18.35 17.68
CA ALA A 275 17.50 17.30 18.58
C ALA A 275 16.39 16.29 18.90
N GLY A 276 16.77 15.02 18.87
CA GLY A 276 15.85 13.92 19.06
C GLY A 276 15.14 13.47 17.81
N TYR A 277 15.56 13.95 16.63
CA TYR A 277 14.90 13.58 15.39
C TYR A 277 14.95 12.07 15.15
N GLU A 278 16.13 11.45 15.30
CA GLU A 278 16.25 10.01 15.09
C GLU A 278 15.44 9.24 16.11
N LYS A 279 15.45 9.71 17.35
CA LYS A 279 14.77 9.06 18.44
C LYS A 279 13.25 9.03 18.25
N ARG A 280 12.69 10.03 17.58
CA ARG A 280 11.25 10.17 17.44
C ARG A 280 10.69 9.54 16.17
N ARG A 281 11.53 8.99 15.29
CA ARG A 281 11.02 8.52 14.01
C ARG A 281 9.94 7.47 14.18
N ASP A 282 10.18 6.48 15.05
CA ASP A 282 9.20 5.42 15.27
C ASP A 282 7.92 5.93 15.90
N LEU A 283 8.01 6.96 16.73
CA LEU A 283 6.80 7.52 17.33
C LEU A 283 5.82 8.02 16.27
N TYR A 284 6.33 8.55 15.16
CA TYR A 284 5.46 9.04 14.10
C TYR A 284 5.06 7.94 13.12
N LEU A 285 5.89 6.92 12.94
CA LEU A 285 5.42 5.72 12.24
C LEU A 285 4.24 5.09 12.98
N LEU A 286 4.28 5.14 14.32
CA LEU A 286 3.34 4.40 15.16
C LEU A 286 1.90 4.81 14.90
N TYR A 287 1.66 6.11 14.71
CA TYR A 287 0.31 6.57 14.39
C TYR A 287 -0.25 5.85 13.18
N HIS A 288 0.56 5.71 12.13
CA HIS A 288 0.10 5.05 10.91
C HIS A 288 0.02 3.55 11.07
N TYR A 289 0.90 2.94 11.87
CA TYR A 289 0.73 1.51 12.16
C TYR A 289 -0.57 1.25 12.90
N LEU A 290 -0.92 2.10 13.85
CA LEU A 290 -2.21 1.94 14.52
C LEU A 290 -3.37 2.13 13.56
N ASN A 291 -3.29 3.15 12.70
CA ASN A 291 -4.38 3.35 11.74
C ASN A 291 -4.51 2.15 10.80
N HIS A 292 -3.38 1.58 10.37
CA HIS A 292 -3.41 0.44 9.47
C HIS A 292 -3.95 -0.80 10.17
N TYR A 293 -3.56 -0.99 11.44
CA TYR A 293 -4.19 -1.97 12.31
C TYR A 293 -5.72 -1.80 12.34
N ASN A 294 -6.20 -0.58 12.59
CA ASN A 294 -7.64 -0.35 12.68
C ASN A 294 -8.35 -0.52 11.35
N LEU A 295 -7.68 -0.22 10.22
CA LEU A 295 -8.28 -0.31 8.89
C LEU A 295 -8.13 -1.68 8.24
N PHE A 296 -6.96 -2.32 8.33
CA PHE A 296 -6.69 -3.50 7.53
C PHE A 296 -6.44 -4.76 8.34
N GLY A 297 -6.50 -4.72 9.67
CA GLY A 297 -6.51 -5.92 10.48
C GLY A 297 -5.25 -6.10 11.35
N SER A 298 -5.35 -7.08 12.25
CA SER A 298 -4.38 -7.31 13.30
C SER A 298 -3.02 -7.78 12.80
N GLY A 299 -2.86 -8.08 11.50
CA GLY A 299 -1.52 -8.31 11.01
C GLY A 299 -0.59 -7.13 11.28
N TYR A 300 -1.15 -5.93 11.40
CA TYR A 300 -0.37 -4.74 11.70
C TYR A 300 -0.18 -4.51 13.20
N ARG A 301 -0.82 -5.30 14.05
CA ARG A 301 -0.71 -5.03 15.48
C ARG A 301 0.71 -5.25 16.00
N SER A 302 1.46 -6.19 15.40
CA SER A 302 2.80 -6.50 15.92
C SER A 302 3.78 -5.35 15.70
N SER A 303 3.74 -4.71 14.53
CA SER A 303 4.55 -3.50 14.29
C SER A 303 4.25 -2.42 15.32
N ALA A 304 2.98 -2.19 15.62
CA ALA A 304 2.64 -1.16 16.61
C ALA A 304 3.12 -1.55 18.00
N MET A 305 2.92 -2.78 18.41
CA MET A 305 3.30 -3.19 19.73
C MET A 305 4.79 -3.21 19.92
N SER A 306 5.50 -3.63 18.90
CA SER A 306 6.96 -3.64 18.97
C SER A 306 7.48 -2.22 19.24
N ILE A 307 6.96 -1.22 18.52
CA ILE A 307 7.39 0.16 18.75
C ILE A 307 7.04 0.62 20.15
N ILE A 308 5.83 0.30 20.62
CA ILE A 308 5.42 0.73 21.96
C ILE A 308 6.30 0.06 23.01
N ASP A 309 6.65 -1.21 22.80
CA ASP A 309 7.51 -1.93 23.76
C ASP A 309 8.90 -1.31 23.83
N ASP A 310 9.48 -0.98 22.67
CA ASP A 310 10.83 -0.40 22.67
C ASP A 310 10.87 0.92 23.41
N TYR A 311 9.87 1.78 23.21
CA TYR A 311 9.87 3.06 23.90
C TYR A 311 9.68 2.89 25.41
N LEU A 312 8.85 1.93 25.83
CA LEU A 312 8.66 1.72 27.27
C LEU A 312 9.96 1.27 27.92
N ARG A 313 10.69 0.38 27.26
CA ARG A 313 12.04 0.02 27.69
C ARG A 313 12.95 1.25 27.72
N MET A 314 13.14 1.90 26.56
CA MET A 314 14.01 3.07 26.44
C MET A 314 13.72 4.11 27.51
N LEU A 315 12.44 4.31 27.83
CA LEU A 315 12.07 5.20 28.93
C LEU A 315 12.16 4.42 30.25
N ASP B 27 -27.31 16.42 -12.30
CA ASP B 27 -25.90 16.10 -12.48
C ASP B 27 -25.02 17.27 -12.02
N PRO B 28 -24.69 17.29 -10.73
CA PRO B 28 -23.91 18.42 -10.21
C PRO B 28 -22.50 18.52 -10.80
N ILE B 29 -21.89 17.40 -11.22
CA ILE B 29 -20.59 17.45 -11.89
C ILE B 29 -20.71 18.19 -13.22
N ARG B 30 -21.62 17.71 -14.08
CA ARG B 30 -21.93 18.40 -15.34
C ARG B 30 -22.34 19.84 -15.08
N GLU B 31 -23.20 20.06 -14.09
CA GLU B 31 -23.67 21.40 -13.75
C GLU B 31 -22.51 22.36 -13.50
N TRP B 32 -21.55 21.95 -12.65
CA TRP B 32 -20.41 22.84 -12.33
C TRP B 32 -19.56 23.09 -13.56
N ILE B 33 -19.23 22.03 -14.30
CA ILE B 33 -18.36 22.12 -15.47
C ILE B 33 -18.93 23.04 -16.54
N LEU B 34 -20.25 23.13 -16.66
CA LEU B 34 -20.85 23.96 -17.72
C LEU B 34 -21.19 25.36 -17.25
N THR B 35 -21.26 25.60 -15.94
CA THR B 35 -21.34 26.97 -15.45
C THR B 35 -19.95 27.50 -15.10
N GLU B 36 -19.47 27.15 -13.92
CA GLU B 36 -18.19 27.63 -13.42
C GLU B 36 -16.90 27.19 -14.08
N GLY B 37 -16.87 26.00 -14.64
CA GLY B 37 -15.69 25.54 -15.35
C GLY B 37 -15.52 26.18 -16.70
N LYS B 38 -16.51 27.01 -17.10
CA LYS B 38 -16.51 27.81 -18.33
C LYS B 38 -16.56 26.96 -19.60
N ALA B 39 -17.16 25.79 -19.53
CA ALA B 39 -17.28 24.92 -20.70
C ALA B 39 -18.71 24.98 -21.21
N THR B 40 -18.89 24.60 -22.48
CA THR B 40 -20.21 24.47 -23.06
C THR B 40 -20.52 23.05 -23.50
N GLN B 41 -19.50 22.21 -23.69
CA GLN B 41 -19.78 20.83 -24.03
C GLN B 41 -18.72 19.90 -23.45
N ILE B 42 -19.18 18.73 -23.03
CA ILE B 42 -18.33 17.63 -22.55
C ILE B 42 -18.18 16.66 -23.71
N THR B 43 -16.94 16.50 -24.23
CA THR B 43 -16.68 15.70 -25.42
C THR B 43 -16.18 14.29 -25.12
N LYS B 44 -15.68 14.01 -23.93
CA LYS B 44 -15.24 12.66 -23.61
C LYS B 44 -15.18 12.47 -22.10
N ILE B 45 -15.49 11.25 -21.67
CA ILE B 45 -15.40 10.82 -20.27
C ILE B 45 -14.72 9.45 -20.25
N GLY B 46 -13.53 9.38 -19.66
CA GLY B 46 -12.83 8.12 -19.46
C GLY B 46 -12.72 7.82 -17.97
N SER B 47 -13.13 6.59 -17.58
CA SER B 47 -13.29 6.21 -16.17
C SER B 47 -12.53 4.93 -15.83
N VAL B 48 -11.82 4.94 -14.70
CA VAL B 48 -11.16 3.78 -14.15
C VAL B 48 -11.56 3.64 -12.68
N GLY B 49 -11.20 2.50 -12.09
CA GLY B 49 -11.49 2.30 -10.68
C GLY B 49 -12.90 1.79 -10.44
N GLY B 50 -13.44 2.09 -9.26
CA GLY B 50 -14.81 1.71 -8.97
C GLY B 50 -15.03 0.27 -8.53
N GLY B 51 -14.01 -0.57 -8.49
CA GLY B 51 -14.22 -1.94 -8.05
C GLY B 51 -14.59 -2.02 -6.58
N CYS B 52 -15.10 -3.17 -6.16
CA CYS B 52 -15.45 -3.36 -4.76
C CYS B 52 -14.47 -4.27 -4.07
N ILE B 53 -14.19 -3.95 -2.79
CA ILE B 53 -13.20 -4.65 -2.00
C ILE B 53 -13.79 -5.95 -1.45
N ASN B 54 -12.92 -6.90 -1.14
CA ASN B 54 -13.39 -8.17 -0.61
C ASN B 54 -14.03 -7.96 0.75
N LEU B 55 -15.10 -8.69 1.01
CA LEU B 55 -15.64 -8.81 2.36
C LEU B 55 -14.88 -9.91 3.09
N ALA B 56 -14.35 -9.59 4.27
CA ALA B 56 -13.60 -10.53 5.10
C ALA B 56 -14.40 -10.86 6.36
N SER B 57 -14.61 -12.14 6.62
CA SER B 57 -15.54 -12.56 7.68
C SER B 57 -14.96 -13.64 8.57
N HIS B 58 -15.22 -13.49 9.86
CA HIS B 58 -14.95 -14.49 10.89
C HIS B 58 -16.23 -15.27 11.19
N TYR B 59 -16.22 -16.56 10.93
CA TYR B 59 -17.39 -17.41 11.18
C TYR B 59 -17.29 -18.10 12.54
N GLN B 60 -18.18 -17.81 13.47
CA GLN B 60 -18.07 -18.48 14.75
C GLN B 60 -19.08 -19.60 14.86
N THR B 61 -18.58 -20.79 15.09
CA THR B 61 -19.30 -22.05 15.17
C THR B 61 -18.86 -22.87 16.37
N ASP B 62 -19.71 -23.81 16.79
CA ASP B 62 -19.40 -24.66 17.92
C ASP B 62 -18.19 -25.56 17.68
N ALA B 63 -17.65 -25.57 16.46
CA ALA B 63 -16.48 -26.36 16.12
C ALA B 63 -15.26 -25.49 15.81
N GLY B 64 -15.23 -24.27 16.33
CA GLY B 64 -14.14 -23.35 16.08
C GLY B 64 -14.45 -22.37 14.97
N SER B 65 -13.44 -21.57 14.64
CA SER B 65 -13.58 -20.48 13.69
C SER B 65 -13.22 -20.92 12.27
N PHE B 66 -13.75 -20.19 11.28
CA PHE B 66 -13.33 -20.29 9.89
C PHE B 66 -13.20 -18.88 9.31
N PHE B 67 -12.28 -18.72 8.37
CA PHE B 67 -12.08 -17.44 7.71
C PHE B 67 -12.59 -17.52 6.27
N VAL B 68 -13.41 -16.54 5.89
CA VAL B 68 -14.12 -16.52 4.62
C VAL B 68 -13.97 -15.16 3.98
N LYS B 69 -13.68 -15.14 2.67
CA LYS B 69 -13.72 -13.91 1.90
C LYS B 69 -14.63 -14.01 0.67
N THR B 70 -15.52 -13.02 0.53
CA THR B 70 -16.50 -13.02 -0.54
C THR B 70 -16.33 -11.75 -1.35
N ASN B 71 -16.70 -11.84 -2.63
CA ASN B 71 -16.78 -10.67 -3.49
C ASN B 71 -17.86 -10.93 -4.53
N ARG B 72 -18.94 -10.14 -4.50
CA ARG B 72 -20.07 -10.37 -5.40
C ARG B 72 -19.80 -9.89 -6.83
N SER B 73 -18.77 -9.07 -7.04
CA SER B 73 -18.53 -8.49 -8.36
C SER B 73 -17.58 -9.31 -9.21
N ILE B 74 -16.73 -10.15 -8.61
CA ILE B 74 -15.64 -10.83 -9.29
C ILE B 74 -15.97 -12.31 -9.44
N GLY B 75 -15.64 -12.88 -10.60
CA GLY B 75 -15.77 -14.30 -10.84
C GLY B 75 -14.75 -15.13 -10.09
N PRO B 76 -14.96 -16.46 -10.09
CA PRO B 76 -14.22 -17.31 -9.13
C PRO B 76 -12.75 -17.55 -9.45
N ALA B 77 -12.23 -17.07 -10.58
CA ALA B 77 -10.86 -17.40 -10.95
C ALA B 77 -9.86 -16.90 -9.91
N MET B 78 -10.07 -15.70 -9.37
CA MET B 78 -9.11 -15.09 -8.44
C MET B 78 -8.99 -15.90 -7.14
N PHE B 79 -10.11 -16.25 -6.52
CA PHE B 79 -10.07 -17.02 -5.29
C PHE B 79 -9.54 -18.43 -5.53
N GLU B 80 -9.78 -18.98 -6.72
CA GLU B 80 -9.24 -20.31 -7.02
C GLU B 80 -7.73 -20.28 -7.12
N GLY B 81 -7.16 -19.23 -7.71
CA GLY B 81 -5.72 -19.12 -7.77
C GLY B 81 -5.10 -18.91 -6.39
N GLU B 82 -5.76 -18.12 -5.56
CA GLU B 82 -5.32 -17.96 -4.18
C GLU B 82 -5.34 -19.30 -3.44
N ALA B 83 -6.42 -20.09 -3.60
CA ALA B 83 -6.51 -21.37 -2.91
C ALA B 83 -5.39 -22.30 -3.33
N LEU B 84 -5.11 -22.37 -4.63
CA LEU B 84 -4.04 -23.25 -5.10
C LEU B 84 -2.67 -22.73 -4.69
N GLY B 85 -2.50 -21.41 -4.61
CA GLY B 85 -1.26 -20.85 -4.09
C GLY B 85 -1.05 -21.17 -2.62
N LEU B 86 -2.07 -20.93 -1.79
CA LEU B 86 -1.96 -21.29 -0.37
C LEU B 86 -1.69 -22.77 -0.21
N GLU B 87 -2.32 -23.61 -1.05
CA GLU B 87 -2.13 -25.04 -0.93
C GLU B 87 -0.68 -25.45 -1.22
N ALA B 88 -0.10 -24.92 -2.30
CA ALA B 88 1.28 -25.26 -2.64
C ALA B 88 2.31 -24.79 -1.62
N MET B 89 2.08 -23.64 -0.98
CA MET B 89 3.01 -23.15 0.05
C MET B 89 2.77 -23.94 1.33
N TYR B 90 1.50 -24.30 1.62
CA TYR B 90 1.21 -25.09 2.82
C TYR B 90 1.93 -26.42 2.78
N GLU B 91 1.98 -27.05 1.60
CA GLU B 91 2.57 -28.38 1.51
C GLU B 91 4.09 -28.38 1.64
N THR B 92 4.78 -27.26 1.43
CA THR B 92 6.21 -27.30 1.67
C THR B 92 6.51 -27.52 3.14
N ARG B 93 5.55 -27.27 4.02
CA ARG B 93 5.70 -27.45 5.46
C ARG B 93 6.87 -26.62 6.01
N THR B 94 6.96 -25.36 5.60
CA THR B 94 7.98 -24.46 6.12
C THR B 94 7.40 -23.25 6.82
N ILE B 95 6.96 -22.24 6.05
CA ILE B 95 6.50 -20.99 6.66
C ILE B 95 5.01 -21.26 6.83
N ARG B 96 4.45 -20.74 7.92
CA ARG B 96 3.04 -20.97 8.19
C ARG B 96 2.16 -20.15 7.25
N VAL B 97 1.18 -20.82 6.64
CA VAL B 97 0.14 -20.18 5.83
C VAL B 97 -1.21 -20.77 6.24
N PRO B 98 -2.29 -20.03 6.04
CA PRO B 98 -3.62 -20.58 6.33
C PRO B 98 -3.93 -21.78 5.45
N ASN B 99 -4.43 -22.83 6.08
CA ASN B 99 -4.85 -24.02 5.36
C ASN B 99 -6.12 -23.71 4.56
N PRO B 100 -6.10 -23.82 3.24
CA PRO B 100 -7.29 -23.49 2.46
C PRO B 100 -8.24 -24.68 2.41
N HIS B 101 -9.54 -24.39 2.39
CA HIS B 101 -10.58 -25.40 2.42
C HIS B 101 -11.42 -25.45 1.15
N LYS B 102 -11.89 -24.31 0.64
CA LYS B 102 -12.75 -24.34 -0.54
C LYS B 102 -12.82 -22.95 -1.17
N ALA B 103 -12.78 -22.92 -2.50
CA ALA B 103 -13.04 -21.70 -3.27
C ALA B 103 -14.07 -22.05 -4.33
N GLY B 104 -14.87 -21.06 -4.73
CA GLY B 104 -15.87 -21.32 -5.73
C GLY B 104 -16.75 -20.13 -6.01
N GLU B 105 -17.87 -20.43 -6.64
CA GLU B 105 -18.77 -19.43 -7.20
C GLU B 105 -19.94 -19.24 -6.26
N LEU B 106 -20.38 -17.99 -6.11
CA LEU B 106 -21.60 -17.78 -5.32
C LEU B 106 -22.83 -17.92 -6.20
N PRO B 107 -23.87 -18.63 -5.76
CA PRO B 107 -25.06 -18.76 -6.61
C PRO B 107 -25.71 -17.42 -6.86
N THR B 108 -25.72 -16.54 -5.86
CA THR B 108 -26.24 -15.19 -6.01
C THR B 108 -25.44 -14.37 -7.03
N GLY B 109 -24.18 -14.74 -7.29
CA GLY B 109 -23.28 -13.99 -8.16
C GLY B 109 -22.04 -13.60 -7.36
N GLY B 110 -20.88 -13.82 -7.95
CA GLY B 110 -19.63 -13.61 -7.28
C GLY B 110 -18.94 -14.90 -6.87
N SER B 111 -17.99 -14.77 -5.95
CA SER B 111 -17.07 -15.85 -5.58
C SER B 111 -16.72 -15.76 -4.10
N TYR B 112 -16.17 -16.85 -3.57
CA TYR B 112 -15.82 -16.95 -2.16
C TYR B 112 -14.57 -17.81 -2.00
N ILE B 113 -13.95 -17.71 -0.82
CA ILE B 113 -12.93 -18.67 -0.40
C ILE B 113 -13.10 -18.92 1.10
N ILE B 114 -12.89 -20.17 1.52
CA ILE B 114 -12.91 -20.57 2.92
C ILE B 114 -11.53 -21.08 3.29
N MET B 115 -11.01 -20.61 4.42
CA MET B 115 -9.70 -21.08 4.85
C MET B 115 -9.66 -21.12 6.37
N GLU B 116 -8.56 -21.68 6.88
CA GLU B 116 -8.27 -21.69 8.30
C GLU B 116 -8.25 -20.28 8.89
N PHE B 117 -8.86 -20.14 10.08
CA PHE B 117 -8.78 -18.89 10.83
C PHE B 117 -7.55 -18.90 11.75
N ILE B 118 -6.74 -17.85 11.66
CA ILE B 118 -5.52 -17.72 12.45
C ILE B 118 -5.61 -16.43 13.27
N ASP B 119 -5.19 -16.54 14.53
CA ASP B 119 -5.21 -15.43 15.48
C ASP B 119 -3.91 -14.66 15.33
N PHE B 120 -3.98 -13.47 14.71
CA PHE B 120 -2.79 -12.66 14.47
C PHE B 120 -2.54 -11.71 15.62
N GLY B 121 -1.31 -11.20 15.67
CA GLY B 121 -0.96 -10.16 16.60
C GLY B 121 0.15 -10.53 17.56
N GLY B 122 1.08 -11.39 17.15
CA GLY B 122 2.17 -11.70 18.05
C GLY B 122 2.93 -10.43 18.33
N SER B 123 2.93 -9.99 19.56
CA SER B 123 3.56 -8.74 19.91
C SER B 123 5.04 -8.56 19.63
N ARG B 124 5.81 -9.62 19.62
CA ARG B 124 7.24 -9.42 19.43
C ARG B 124 7.54 -9.29 17.95
N GLY B 125 7.05 -10.22 17.13
CA GLY B 125 7.48 -10.24 15.76
C GLY B 125 8.88 -10.78 15.63
N ASN B 126 9.33 -11.07 14.41
CA ASN B 126 10.61 -11.76 14.22
C ASN B 126 11.02 -11.61 12.75
N GLN B 127 11.76 -10.54 12.45
CA GLN B 127 12.18 -10.28 11.06
C GLN B 127 13.16 -11.34 10.55
N ALA B 128 14.08 -11.80 11.41
CA ALA B 128 15.00 -12.85 11.01
C ALA B 128 14.27 -14.17 10.80
N GLU B 129 13.31 -14.49 11.67
CA GLU B 129 12.53 -15.71 11.48
C GLU B 129 11.76 -15.70 10.16
N LEU B 130 11.25 -14.54 9.76
CA LEU B 130 10.58 -14.42 8.48
C LEU B 130 11.53 -14.72 7.33
N GLY B 131 12.75 -14.17 7.38
CA GLY B 131 13.71 -14.40 6.31
C GLY B 131 14.15 -15.85 6.25
N ARG B 132 14.42 -16.46 7.41
CA ARG B 132 14.74 -17.88 7.48
C ARG B 132 13.59 -18.75 6.94
N LYS B 133 12.37 -18.54 7.44
CA LYS B 133 11.27 -19.39 7.00
C LYS B 133 10.94 -19.18 5.53
N LEU B 134 11.08 -17.95 5.03
CA LEU B 134 10.81 -17.71 3.62
C LEU B 134 11.82 -18.45 2.74
N ALA B 135 13.10 -18.38 3.12
CA ALA B 135 14.17 -19.07 2.40
C ALA B 135 13.97 -20.58 2.42
N GLU B 136 13.52 -21.12 3.56
CA GLU B 136 13.17 -22.54 3.60
C GLU B 136 12.06 -22.87 2.60
N MET B 137 11.09 -21.98 2.43
CA MET B 137 10.03 -22.25 1.45
C MET B 137 10.58 -22.20 0.03
N HIS B 138 11.40 -21.20 -0.30
CA HIS B 138 12.01 -21.19 -1.62
C HIS B 138 12.78 -22.48 -1.87
N LYS B 139 13.52 -22.94 -0.86
CA LYS B 139 14.40 -24.09 -1.02
C LYS B 139 13.62 -25.39 -1.11
N ALA B 140 12.59 -25.55 -0.28
CA ALA B 140 11.82 -26.79 -0.27
C ALA B 140 10.85 -26.89 -1.45
N GLY B 141 10.34 -25.76 -1.93
CA GLY B 141 9.35 -25.78 -3.02
C GLY B 141 9.97 -25.97 -4.39
N LYS B 142 9.81 -27.18 -4.95
CA LYS B 142 10.50 -27.60 -6.16
C LYS B 142 9.49 -28.11 -7.19
N THR B 143 9.92 -28.13 -8.45
CA THR B 143 9.07 -28.62 -9.53
C THR B 143 9.96 -29.17 -10.64
N SER B 144 9.44 -30.21 -11.32
CA SER B 144 10.10 -30.78 -12.49
C SER B 144 9.65 -30.11 -13.78
N LYS B 145 8.69 -29.19 -13.70
CA LYS B 145 8.08 -28.63 -14.89
C LYS B 145 8.72 -27.32 -15.33
N GLY B 146 9.67 -26.78 -14.56
CA GLY B 146 10.33 -25.55 -14.94
C GLY B 146 9.77 -24.32 -14.27
N PHE B 147 9.80 -23.19 -14.98
CA PHE B 147 9.30 -21.93 -14.44
C PHE B 147 7.86 -21.70 -14.89
N GLY B 148 7.01 -21.32 -13.94
CA GLY B 148 5.59 -21.16 -14.19
C GLY B 148 4.76 -21.70 -13.03
N PHE B 149 3.54 -22.12 -13.34
CA PHE B 149 2.62 -22.61 -12.32
C PHE B 149 1.55 -23.44 -13.02
N GLU B 150 0.83 -24.23 -12.22
CA GLU B 150 -0.19 -25.11 -12.78
C GLU B 150 -1.36 -24.33 -13.39
N VAL B 151 -1.70 -23.17 -12.83
CA VAL B 151 -2.76 -22.34 -13.39
C VAL B 151 -2.27 -20.90 -13.43
N ASP B 152 -2.85 -20.12 -14.34
CA ASP B 152 -2.71 -18.67 -14.30
C ASP B 152 -3.42 -18.15 -13.07
N ASN B 153 -2.85 -17.10 -12.47
CA ASN B 153 -3.51 -16.45 -11.35
C ASN B 153 -3.40 -14.94 -11.52
N THR B 154 -3.39 -14.18 -10.43
CA THR B 154 -3.40 -12.73 -10.57
C THR B 154 -2.44 -12.08 -9.57
N ILE B 155 -1.91 -10.94 -9.97
CA ILE B 155 -1.08 -10.11 -9.11
C ILE B 155 -1.88 -8.82 -8.90
N GLY B 156 -2.48 -8.69 -7.72
CA GLY B 156 -3.55 -7.71 -7.61
C GLY B 156 -4.72 -8.18 -8.44
N SER B 157 -5.23 -7.31 -9.31
CA SER B 157 -6.24 -7.71 -10.29
C SER B 157 -5.64 -8.07 -11.63
N THR B 158 -4.36 -7.87 -11.82
CA THR B 158 -3.84 -8.10 -13.15
C THR B 158 -3.61 -9.60 -13.34
N PRO B 159 -4.01 -10.14 -14.49
CA PRO B 159 -3.67 -11.53 -14.79
C PRO B 159 -2.16 -11.74 -14.72
N GLN B 160 -1.76 -12.91 -14.24
CA GLN B 160 -0.35 -13.30 -14.18
C GLN B 160 -0.23 -14.60 -14.97
N ILE B 161 0.46 -14.53 -16.11
CA ILE B 161 0.57 -15.66 -17.03
C ILE B 161 1.65 -16.63 -16.55
N ASN B 162 1.29 -17.91 -16.42
CA ASN B 162 2.13 -18.90 -15.74
C ASN B 162 2.44 -20.13 -16.59
N THR B 163 2.37 -20.01 -17.91
CA THR B 163 2.66 -21.15 -18.78
C THR B 163 4.10 -21.61 -18.61
N TRP B 164 4.27 -22.92 -18.45
CA TRP B 164 5.56 -23.53 -18.12
C TRP B 164 6.61 -23.20 -19.18
N SER B 165 7.81 -22.84 -18.71
CA SER B 165 8.94 -22.57 -19.58
C SER B 165 10.21 -23.08 -18.88
N SER B 166 11.23 -23.40 -19.70
CA SER B 166 12.46 -24.01 -19.20
C SER B 166 13.62 -23.03 -19.03
N ASP B 167 13.52 -21.81 -19.55
CA ASP B 167 14.55 -20.79 -19.40
C ASP B 167 13.98 -19.61 -18.62
N TRP B 168 14.69 -19.20 -17.56
CA TRP B 168 14.18 -18.12 -16.70
C TRP B 168 14.21 -16.78 -17.42
N ILE B 169 15.32 -16.47 -18.10
CA ILE B 169 15.40 -15.23 -18.87
C ILE B 169 14.29 -15.16 -19.91
N GLU B 170 13.93 -16.30 -20.50
CA GLU B 170 12.83 -16.33 -21.44
C GLU B 170 11.51 -16.09 -20.73
N PHE B 171 11.29 -16.78 -19.61
CA PHE B 171 10.03 -16.64 -18.89
C PHE B 171 9.83 -15.22 -18.38
N TYR B 172 10.85 -14.66 -17.73
CA TYR B 172 10.68 -13.35 -17.09
C TYR B 172 10.54 -12.24 -18.12
N GLY B 173 11.30 -12.33 -19.22
CA GLY B 173 11.21 -11.31 -20.24
C GLY B 173 9.86 -11.30 -20.94
N GLU B 174 9.29 -12.49 -21.17
CA GLU B 174 8.05 -12.57 -21.94
C GLU B 174 6.81 -12.57 -21.05
N LYS B 175 6.72 -13.50 -20.10
CA LYS B 175 5.50 -13.58 -19.30
C LYS B 175 5.48 -12.62 -18.11
N ARG B 176 6.56 -11.90 -17.84
CA ARG B 176 6.54 -10.92 -16.76
C ARG B 176 6.69 -9.50 -17.29
N LEU B 177 7.90 -9.11 -17.68
CA LEU B 177 8.09 -7.75 -18.20
C LEU B 177 7.28 -7.53 -19.48
N GLY B 178 7.36 -8.49 -20.43
CA GLY B 178 6.74 -8.29 -21.74
C GLY B 178 5.23 -8.13 -21.67
N TYR B 179 4.57 -8.97 -20.86
CA TYR B 179 3.12 -8.84 -20.68
C TYR B 179 2.75 -7.48 -20.11
N GLN B 180 3.48 -7.02 -19.08
CA GLN B 180 3.15 -5.74 -18.46
C GLN B 180 3.37 -4.58 -19.42
N LEU B 181 4.45 -4.63 -20.22
CA LEU B 181 4.74 -3.54 -21.16
C LEU B 181 3.65 -3.45 -22.22
N LYS B 182 3.28 -4.59 -22.79
CA LYS B 182 2.22 -4.61 -23.80
C LYS B 182 0.92 -4.08 -23.21
N LEU B 183 0.64 -4.45 -21.96
CA LEU B 183 -0.57 -3.98 -21.30
C LEU B 183 -0.54 -2.45 -21.09
N ALA B 184 0.64 -1.87 -20.81
CA ALA B 184 0.70 -0.41 -20.67
C ALA B 184 0.57 0.30 -22.03
N ARG B 185 1.09 -0.30 -23.10
CA ARG B 185 0.93 0.27 -24.43
C ARG B 185 -0.54 0.33 -24.84
N ASP B 186 -1.34 -0.67 -24.45
CA ASP B 186 -2.74 -0.72 -24.82
C ASP B 186 -3.60 0.20 -23.95
N GLN B 187 -3.27 0.31 -22.66
CA GLN B 187 -4.08 1.11 -21.74
C GLN B 187 -3.80 2.60 -21.85
N TYR B 188 -2.58 2.98 -22.17
CA TYR B 188 -2.17 4.37 -22.15
C TYR B 188 -1.57 4.85 -23.46
N GLY B 189 -1.51 4.01 -24.49
CA GLY B 189 -0.74 4.34 -25.67
C GLY B 189 0.71 4.65 -25.40
N ASP B 190 1.27 4.07 -24.33
CA ASP B 190 2.64 4.36 -23.91
C ASP B 190 3.58 3.48 -24.73
N SER B 191 3.77 3.88 -25.99
CA SER B 191 4.68 3.17 -26.88
C SER B 191 6.15 3.45 -26.57
N ALA B 192 6.44 4.54 -25.86
CA ALA B 192 7.83 4.81 -25.50
C ALA B 192 8.33 3.78 -24.48
N ILE B 193 7.57 3.54 -23.40
CA ILE B 193 8.01 2.54 -22.42
C ILE B 193 8.01 1.16 -23.05
N TYR B 194 7.11 0.91 -23.99
CA TYR B 194 7.06 -0.38 -24.67
C TYR B 194 8.32 -0.62 -25.50
N GLN B 195 8.83 0.41 -26.17
CA GLN B 195 9.99 0.22 -27.02
C GLN B 195 11.26 0.14 -26.18
N LYS B 196 11.46 1.10 -25.27
CA LYS B 196 12.64 1.06 -24.41
C LYS B 196 12.65 -0.21 -23.56
N GLY B 197 11.48 -0.62 -23.07
CA GLY B 197 11.41 -1.87 -22.32
C GLY B 197 11.87 -3.07 -23.12
N HIS B 198 11.48 -3.13 -24.40
CA HIS B 198 11.84 -4.29 -25.22
C HIS B 198 13.29 -4.25 -25.66
N THR B 199 13.92 -3.08 -25.67
CA THR B 199 15.37 -3.05 -25.80
C THR B 199 16.02 -3.70 -24.60
N LEU B 200 15.54 -3.37 -23.40
CA LEU B 200 16.04 -3.99 -22.19
C LEU B 200 15.86 -5.50 -22.23
N ILE B 201 14.64 -5.96 -22.54
CA ILE B 201 14.36 -7.40 -22.54
C ILE B 201 15.33 -8.12 -23.47
N GLN B 202 15.68 -7.48 -24.60
CA GLN B 202 16.59 -8.11 -25.56
C GLN B 202 18.05 -8.07 -25.12
N ASN B 203 18.47 -7.09 -24.31
CA ASN B 203 19.84 -6.97 -23.87
C ASN B 203 20.04 -7.38 -22.41
N MET B 204 19.16 -8.23 -21.90
CA MET B 204 19.04 -8.50 -20.48
C MET B 204 20.08 -9.48 -19.95
N ALA B 205 20.52 -10.41 -20.80
CA ALA B 205 21.32 -11.55 -20.37
C ALA B 205 22.55 -11.20 -19.52
N PRO B 206 23.37 -10.19 -19.84
CA PRO B 206 24.55 -9.92 -18.98
C PRO B 206 24.20 -9.67 -17.52
N LEU B 207 22.96 -9.25 -17.22
CA LEU B 207 22.57 -9.05 -15.83
C LEU B 207 22.53 -10.36 -15.05
N PHE B 208 22.51 -11.49 -15.75
CA PHE B 208 22.42 -12.76 -15.05
C PHE B 208 23.76 -13.45 -14.83
N GLU B 209 24.83 -12.97 -15.48
CA GLU B 209 26.22 -13.37 -15.17
C GLU B 209 26.40 -14.88 -15.19
N ASN B 210 25.64 -15.57 -16.03
CA ASN B 210 25.80 -17.00 -16.30
C ASN B 210 25.49 -17.88 -15.10
N VAL B 211 24.82 -17.33 -14.08
CA VAL B 211 24.44 -18.13 -12.93
C VAL B 211 23.35 -19.12 -13.34
N VAL B 212 23.34 -20.27 -12.68
CA VAL B 212 22.32 -21.28 -12.90
C VAL B 212 21.16 -20.99 -11.97
N ILE B 213 19.94 -21.11 -12.49
CA ILE B 213 18.75 -20.66 -11.80
C ILE B 213 17.80 -21.84 -11.68
N GLU B 214 17.52 -22.25 -10.46
CA GLU B 214 16.60 -23.33 -10.09
C GLU B 214 15.22 -22.75 -9.81
N PRO B 215 14.16 -23.41 -10.27
CA PRO B 215 12.81 -22.94 -9.94
C PRO B 215 12.55 -23.03 -8.45
N CYS B 216 12.02 -21.95 -7.87
CA CYS B 216 11.62 -21.93 -6.47
C CYS B 216 10.17 -21.49 -6.35
N LEU B 217 9.42 -22.13 -5.44
CA LEU B 217 8.08 -21.66 -5.13
C LEU B 217 8.17 -20.28 -4.50
N LEU B 218 7.64 -19.27 -5.18
CA LEU B 218 7.61 -17.89 -4.76
C LEU B 218 6.23 -17.54 -4.19
N HIS B 219 6.21 -16.66 -3.18
CA HIS B 219 4.95 -16.09 -2.74
C HIS B 219 4.37 -15.19 -3.82
N GLY B 220 5.21 -14.33 -4.41
CA GLY B 220 4.84 -13.56 -5.59
C GLY B 220 4.28 -12.17 -5.35
N ASP B 221 3.95 -11.81 -4.10
CA ASP B 221 3.42 -10.48 -3.80
C ASP B 221 3.67 -10.14 -2.34
N LEU B 222 4.94 -10.12 -1.91
CA LEU B 222 5.28 -10.14 -0.48
C LEU B 222 5.60 -8.72 0.00
N TRP B 223 4.63 -8.09 0.65
CA TRP B 223 4.79 -6.78 1.27
C TRP B 223 4.08 -6.78 2.62
N SER B 224 4.11 -5.62 3.30
CA SER B 224 3.68 -5.52 4.70
C SER B 224 2.24 -6.00 4.91
N GLY B 225 1.34 -5.66 3.99
CA GLY B 225 -0.07 -6.06 4.10
C GLY B 225 -0.33 -7.55 4.00
N ASN B 226 0.66 -8.35 3.61
CA ASN B 226 0.49 -9.78 3.44
C ASN B 226 1.24 -10.60 4.46
N ILE B 227 1.82 -9.95 5.48
CA ILE B 227 2.65 -10.60 6.47
C ILE B 227 2.03 -10.36 7.84
N ALA B 228 2.05 -11.39 8.69
CA ALA B 228 1.49 -11.30 10.04
C ALA B 228 2.26 -12.25 10.93
N TYR B 229 1.98 -12.17 12.23
CA TYR B 229 2.62 -13.01 13.23
C TYR B 229 1.56 -13.63 14.14
N ASP B 230 1.72 -14.92 14.45
CA ASP B 230 0.72 -15.63 15.22
C ASP B 230 1.08 -15.55 16.71
N LYS B 231 0.39 -16.35 17.54
CA LYS B 231 0.55 -16.25 18.99
C LYS B 231 1.93 -16.69 19.47
N ASN B 232 2.58 -17.62 18.75
CA ASN B 232 3.95 -18.00 19.04
C ASN B 232 4.96 -17.06 18.40
N ASN B 233 4.52 -15.90 17.92
CA ASN B 233 5.36 -14.94 17.23
C ASN B 233 6.09 -15.55 16.04
N GLU B 234 5.46 -16.49 15.37
CA GLU B 234 5.95 -17.05 14.12
C GLU B 234 5.29 -16.36 12.94
N PRO B 235 6.03 -16.19 11.84
CA PRO B 235 5.48 -15.47 10.69
C PRO B 235 4.42 -16.26 9.94
N VAL B 236 3.46 -15.52 9.36
CA VAL B 236 2.40 -16.08 8.52
C VAL B 236 2.29 -15.19 7.30
N ILE B 237 2.21 -15.79 6.11
CA ILE B 237 2.07 -14.97 4.91
C ILE B 237 0.76 -15.33 4.20
N LEU B 238 0.20 -14.33 3.51
CA LEU B 238 -1.18 -14.35 3.02
C LEU B 238 -1.24 -13.82 1.58
N ASP B 239 -2.40 -14.01 0.96
CA ASP B 239 -2.72 -13.41 -0.32
C ASP B 239 -1.66 -13.64 -1.40
N PRO B 240 -1.34 -14.89 -1.72
CA PRO B 240 -0.23 -15.14 -2.64
C PRO B 240 -0.58 -14.83 -4.09
N ALA B 241 0.47 -14.73 -4.89
CA ALA B 241 0.40 -14.78 -6.36
C ALA B 241 1.47 -15.76 -6.86
N CYS B 242 1.34 -17.02 -6.45
CA CYS B 242 2.46 -17.96 -6.50
C CYS B 242 2.88 -18.33 -7.92
N TYR B 243 4.15 -18.68 -8.04
CA TYR B 243 4.67 -19.40 -9.20
C TYR B 243 6.09 -19.84 -8.85
N TYR B 244 6.69 -20.64 -9.73
CA TYR B 244 8.05 -21.12 -9.59
C TYR B 244 8.97 -20.25 -10.41
N GLY B 245 9.94 -19.62 -9.75
CA GLY B 245 10.80 -18.68 -10.43
C GLY B 245 12.13 -18.52 -9.74
N HIS B 246 12.87 -17.51 -10.18
CA HIS B 246 14.12 -17.14 -9.53
C HIS B 246 13.80 -16.63 -8.13
N ASN B 247 14.40 -17.21 -7.13
CA ASN B 247 14.12 -16.84 -5.77
C ASN B 247 14.24 -15.36 -5.49
N GLU B 248 15.15 -14.68 -6.15
CA GLU B 248 15.34 -13.25 -5.94
C GLU B 248 14.14 -12.41 -6.37
N ALA B 249 13.24 -12.98 -7.18
CA ALA B 249 12.08 -12.21 -7.62
C ALA B 249 11.09 -11.98 -6.50
N ASP B 250 11.18 -12.74 -5.40
CA ASP B 250 10.25 -12.53 -4.29
C ASP B 250 10.57 -11.27 -3.48
N PHE B 251 11.64 -10.54 -3.76
CA PHE B 251 11.91 -9.26 -3.13
C PHE B 251 11.40 -8.07 -3.93
N GLY B 252 10.68 -8.30 -5.03
CA GLY B 252 10.24 -7.23 -5.93
C GLY B 252 9.20 -6.28 -5.37
N MET B 253 8.67 -6.53 -4.17
CA MET B 253 7.76 -5.62 -3.48
C MET B 253 8.42 -5.02 -2.24
N SER B 254 9.77 -5.10 -2.14
CA SER B 254 10.45 -4.72 -0.90
C SER B 254 10.29 -3.23 -0.58
N TRP B 255 10.00 -2.40 -1.57
CA TRP B 255 9.82 -0.97 -1.33
C TRP B 255 8.63 -0.67 -0.43
N CYS B 256 7.77 -1.66 -0.14
CA CYS B 256 6.69 -1.50 0.83
C CYS B 256 6.71 -2.60 1.88
N ALA B 257 7.89 -3.09 2.27
CA ALA B 257 8.01 -4.24 3.16
C ALA B 257 8.78 -3.98 4.45
N GLY B 258 9.64 -2.98 4.50
CA GLY B 258 10.49 -2.78 5.68
C GLY B 258 11.38 -3.94 6.05
N PHE B 259 12.03 -4.57 5.08
CA PHE B 259 12.97 -5.66 5.32
C PHE B 259 14.31 -5.10 5.82
N GLY B 260 14.71 -5.49 7.04
CA GLY B 260 16.00 -5.12 7.60
C GLY B 260 17.16 -6.04 7.20
N GLU B 261 18.34 -5.67 7.71
CA GLU B 261 19.53 -6.49 7.53
C GLU B 261 19.40 -7.84 8.23
N SER B 262 18.67 -7.91 9.34
CA SER B 262 18.45 -9.21 9.98
C SER B 262 17.56 -10.12 9.13
N PHE B 263 16.64 -9.54 8.34
CA PHE B 263 15.86 -10.34 7.39
C PHE B 263 16.76 -10.95 6.32
N TYR B 264 17.57 -10.12 5.66
CA TYR B 264 18.37 -10.61 4.55
C TYR B 264 19.46 -11.58 5.01
N ASN B 265 20.11 -11.28 6.12
CA ASN B 265 21.17 -12.16 6.56
C ASN B 265 20.63 -13.51 7.01
N ALA B 266 19.42 -13.55 7.60
CA ALA B 266 18.84 -14.85 7.91
C ALA B 266 18.41 -15.56 6.65
N TYR B 267 17.88 -14.81 5.67
CA TYR B 267 17.54 -15.36 4.37
C TYR B 267 18.76 -15.98 3.69
N PHE B 268 19.84 -15.21 3.52
CA PHE B 268 20.99 -15.70 2.75
C PHE B 268 21.75 -16.81 3.48
N LYS B 269 21.47 -17.03 4.76
CA LYS B 269 22.09 -18.16 5.45
C LYS B 269 21.59 -19.48 4.88
N VAL B 270 20.31 -19.53 4.51
CA VAL B 270 19.68 -20.71 3.89
C VAL B 270 19.84 -20.69 2.36
N MET B 271 19.72 -19.51 1.72
CA MET B 271 19.79 -19.39 0.27
C MET B 271 20.85 -18.35 -0.05
N PRO B 272 22.10 -18.78 -0.28
CA PRO B 272 23.22 -17.82 -0.38
C PRO B 272 23.11 -16.88 -1.57
N LYS B 273 23.62 -15.67 -1.35
CA LYS B 273 23.53 -14.58 -2.32
C LYS B 273 24.40 -14.87 -3.56
N GLN B 274 23.77 -14.77 -4.72
CA GLN B 274 24.37 -15.14 -6.00
C GLN B 274 24.96 -13.92 -6.70
N ALA B 275 25.97 -14.16 -7.52
CA ALA B 275 26.60 -13.09 -8.29
C ALA B 275 25.57 -12.29 -9.07
N GLY B 276 25.70 -10.97 -9.02
CA GLY B 276 24.74 -10.11 -9.66
C GLY B 276 23.48 -9.83 -8.86
N TYR B 277 23.44 -10.23 -7.59
CA TYR B 277 22.22 -10.05 -6.81
C TYR B 277 21.85 -8.57 -6.70
N GLU B 278 22.81 -7.72 -6.35
CA GLU B 278 22.56 -6.29 -6.23
C GLU B 278 22.19 -5.66 -7.57
N LYS B 279 22.84 -6.11 -8.64
CA LYS B 279 22.62 -5.56 -9.97
C LYS B 279 21.20 -5.82 -10.47
N ARG B 280 20.58 -6.93 -10.03
CA ARG B 280 19.26 -7.34 -10.51
C ARG B 280 18.10 -6.84 -9.63
N ARG B 281 18.36 -6.22 -8.49
CA ARG B 281 17.26 -5.88 -7.59
C ARG B 281 16.20 -5.05 -8.29
N ASP B 282 16.65 -4.05 -9.07
CA ASP B 282 15.72 -3.18 -9.79
C ASP B 282 14.94 -3.93 -10.86
N LEU B 283 15.54 -4.95 -11.46
CA LEU B 283 14.86 -5.72 -12.49
C LEU B 283 13.63 -6.42 -11.94
N TYR B 284 13.69 -6.85 -10.69
CA TYR B 284 12.55 -7.50 -10.07
C TYR B 284 11.55 -6.52 -9.44
N LEU B 285 12.01 -5.34 -8.99
CA LEU B 285 11.09 -4.26 -8.65
C LEU B 285 10.30 -3.80 -9.87
N LEU B 286 10.94 -3.81 -11.05
CA LEU B 286 10.35 -3.22 -12.24
C LEU B 286 9.03 -3.89 -12.60
N TYR B 287 8.94 -5.21 -12.44
CA TYR B 287 7.68 -5.90 -12.71
C TYR B 287 6.54 -5.33 -11.87
N HIS B 288 6.76 -5.11 -10.57
CA HIS B 288 5.71 -4.59 -9.70
C HIS B 288 5.47 -3.10 -9.90
N TYR B 289 6.51 -2.31 -10.25
CA TYR B 289 6.26 -0.92 -10.64
C TYR B 289 5.41 -0.83 -11.91
N LEU B 290 5.67 -1.69 -12.89
CA LEU B 290 4.80 -1.73 -14.06
C LEU B 290 3.39 -2.14 -13.66
N ASN B 291 3.26 -3.13 -12.78
CA ASN B 291 1.94 -3.55 -12.39
C ASN B 291 1.20 -2.41 -11.69
N HIS B 292 1.90 -1.63 -10.86
CA HIS B 292 1.23 -0.56 -10.13
C HIS B 292 0.82 0.57 -11.07
N TYR B 293 1.69 0.87 -12.05
CA TYR B 293 1.33 1.76 -13.15
C TYR B 293 0.05 1.28 -13.83
N ASN B 294 0.00 0.01 -14.24
CA ASN B 294 -1.14 -0.52 -14.98
C ASN B 294 -2.40 -0.60 -14.12
N LEU B 295 -2.26 -0.79 -12.82
CA LEU B 295 -3.40 -0.87 -11.93
C LEU B 295 -3.84 0.50 -11.39
N PHE B 296 -2.89 1.35 -10.99
CA PHE B 296 -3.20 2.54 -10.20
C PHE B 296 -2.89 3.86 -10.87
N GLY B 297 -2.36 3.87 -12.08
CA GLY B 297 -2.24 5.10 -12.84
C GLY B 297 -0.80 5.54 -13.05
N SER B 298 -0.66 6.53 -13.92
CA SER B 298 0.61 6.99 -14.46
C SER B 298 1.51 7.68 -13.44
N GLY B 299 1.07 7.91 -12.21
CA GLY B 299 1.99 8.35 -11.19
C GLY B 299 3.14 7.39 -10.95
N TYR B 300 2.95 6.11 -11.27
CA TYR B 300 3.99 5.11 -11.11
C TYR B 300 4.87 4.98 -12.34
N ARG B 301 4.55 5.67 -13.43
CA ARG B 301 5.30 5.51 -14.66
C ARG B 301 6.74 6.01 -14.53
N SER B 302 6.97 7.06 -13.74
CA SER B 302 8.33 7.57 -13.64
C SER B 302 9.23 6.53 -12.98
N SER B 303 8.76 5.91 -11.89
CA SER B 303 9.54 4.87 -11.23
C SER B 303 9.94 3.77 -12.20
N ALA B 304 8.99 3.31 -13.02
CA ALA B 304 9.32 2.25 -13.97
C ALA B 304 10.29 2.75 -15.02
N MET B 305 10.03 3.93 -15.58
CA MET B 305 10.88 4.46 -16.64
C MET B 305 12.28 4.77 -16.15
N SER B 306 12.39 5.27 -14.91
CA SER B 306 13.70 5.53 -14.32
C SER B 306 14.58 4.27 -14.29
N ILE B 307 13.99 3.13 -13.89
CA ILE B 307 14.73 1.88 -13.85
C ILE B 307 15.13 1.43 -15.25
N ILE B 308 14.21 1.53 -16.21
CA ILE B 308 14.53 1.08 -17.57
C ILE B 308 15.66 1.91 -18.17
N ASP B 309 15.66 3.21 -17.90
CA ASP B 309 16.71 4.07 -18.44
C ASP B 309 18.08 3.70 -17.89
N ASP B 310 18.18 3.44 -16.58
CA ASP B 310 19.48 3.12 -15.97
C ASP B 310 20.07 1.85 -16.54
N TYR B 311 19.25 0.81 -16.72
CA TYR B 311 19.77 -0.45 -17.26
C TYR B 311 20.22 -0.27 -18.70
N LEU B 312 19.51 0.53 -19.49
CA LEU B 312 19.94 0.79 -20.85
C LEU B 312 21.28 1.52 -20.86
N ARG B 313 21.45 2.47 -19.95
CA ARG B 313 22.75 3.12 -19.78
C ARG B 313 23.80 2.08 -19.38
N MET B 314 23.59 1.41 -18.25
CA MET B 314 24.53 0.39 -17.75
C MET B 314 24.87 -0.66 -18.81
N LEU B 315 23.88 -1.12 -19.58
CA LEU B 315 24.14 -2.07 -20.65
C LEU B 315 24.59 -1.32 -21.91
PB ADP C . -8.27 7.48 -4.95
O1B ADP C . -9.69 7.87 -4.66
O2B ADP C . -8.13 6.11 -5.61
O3B ADP C . -7.36 7.71 -3.76
PA ADP C . -6.22 8.45 -6.74
O1A ADP C . -5.52 9.75 -6.38
O2A ADP C . -5.58 7.10 -6.51
O3A ADP C . -7.71 8.50 -6.10
O5' ADP C . -6.58 8.52 -8.32
C5' ADP C . -6.78 7.38 -9.17
C4' ADP C . -6.40 7.67 -10.63
O4' ADP C . -6.54 9.06 -11.01
C3' ADP C . -4.94 7.35 -10.92
O3' ADP C . -4.93 6.77 -12.23
C2' ADP C . -4.20 8.69 -10.87
O2' ADP C . -3.04 8.72 -11.71
C1' ADP C . -5.27 9.64 -11.38
N9 ADP C . -5.25 11.02 -10.82
C8 ADP C . -5.40 11.38 -9.52
N7 ADP C . -5.42 12.72 -9.38
C5 ADP C . -5.27 13.24 -10.61
C6 ADP C . -5.21 14.60 -11.18
N6 ADP C . -5.30 15.68 -10.39
N1 ADP C . -5.07 14.69 -12.52
C2 ADP C . -4.98 13.63 -13.32
N3 ADP C . -5.05 12.37 -12.87
C4 ADP C . -5.17 12.12 -11.55
S SO4 D . 18.98 12.52 17.56
O1 SO4 D . 18.61 12.79 16.16
O2 SO4 D . 19.08 13.77 18.31
O3 SO4 D . 18.03 11.64 18.26
O4 SO4 D . 20.30 11.88 17.53
S SO4 E . 0.09 20.20 -17.00
O1 SO4 E . 0.36 21.01 -18.19
O2 SO4 E . -0.78 20.96 -16.11
O3 SO4 E . -0.60 18.95 -17.28
O4 SO4 E . 1.39 19.92 -16.37
S SO4 F . 0.11 -8.73 24.08
O1 SO4 F . 1.43 -8.14 24.23
O2 SO4 F . -0.94 -7.71 24.13
O3 SO4 F . 0.03 -9.43 22.80
O4 SO4 F . -0.13 -9.70 25.15
S SO4 G . 11.22 27.18 -6.84
O1 SO4 G . 10.00 26.84 -6.10
O2 SO4 G . 11.10 28.53 -7.38
O3 SO4 G . 12.36 27.12 -5.94
O4 SO4 G . 11.42 26.25 -7.95
S SO4 H . -13.09 5.67 27.58
O1 SO4 H . -12.02 6.46 26.96
O2 SO4 H . -13.96 6.54 28.35
O3 SO4 H . -12.51 4.66 28.45
O4 SO4 H . -13.88 5.04 26.53
S SO4 I . -8.30 9.12 -21.03
O1 SO4 I . -9.70 9.44 -21.26
O2 SO4 I . -7.50 10.33 -20.81
O3 SO4 I . -8.16 8.31 -19.81
O4 SO4 I . -7.79 8.40 -22.20
S SO4 J . -6.70 25.91 -12.90
O1 SO4 J . -7.74 26.47 -12.02
O2 SO4 J . -6.71 26.65 -14.15
O3 SO4 J . -6.96 24.50 -13.17
O4 SO4 J . -5.40 26.06 -12.26
S SO4 K . -5.17 24.92 24.62
O1 SO4 K . -3.97 25.71 24.88
O2 SO4 K . -6.22 25.83 24.13
O3 SO4 K . -4.89 23.90 23.62
O4 SO4 K . -5.61 24.29 25.85
S SO4 L . 16.97 11.71 -7.80
O1 SO4 L . 16.39 12.90 -8.40
O2 SO4 L . 17.48 12.05 -6.47
O3 SO4 L . 15.97 10.66 -7.70
O4 SO4 L . 18.08 11.25 -8.62
CL CL M . -0.44 1.38 2.15
C1 EDO N . -3.84 -7.78 7.80
O1 EDO N . -4.06 -8.42 9.07
C2 EDO N . -2.95 -8.67 6.96
O2 EDO N . -1.60 -8.35 7.31
C1 EDO O . -11.43 28.38 -9.42
O1 EDO O . -11.70 27.12 -8.79
C2 EDO O . -9.97 28.80 -9.19
O2 EDO O . -9.93 29.88 -8.26
C1 EDO P . 19.35 6.03 -2.92
O1 EDO P . 19.55 6.29 -1.52
C2 EDO P . 18.45 7.08 -3.57
O2 EDO P . 19.02 8.39 -3.41
C1 EDO Q . -1.66 7.72 -8.80
O1 EDO Q . -1.34 7.71 -10.19
C2 EDO Q . -0.51 7.10 -8.02
O2 EDO Q . 0.54 8.06 -7.84
S DMS R . -8.54 8.94 -15.43
O DMS R . -8.53 8.56 -16.90
C1 DMS R . -7.55 7.77 -14.45
C2 DMS R . -7.50 10.41 -15.14
PB ADP S . -8.02 -9.15 1.11
O1B ADP S . -9.01 -8.11 1.56
O2B ADP S . -8.58 -10.13 0.11
O3B ADP S . -6.65 -8.61 0.76
PA ADP S . -6.67 -9.68 3.57
O1A ADP S . -6.19 -8.25 3.44
O2A ADP S . -5.70 -10.84 3.60
O3A ADP S . -7.76 -10.04 2.44
O5' ADP S . -7.57 -9.84 4.88
C5' ADP S . -8.57 -8.93 5.30
C4' ADP S . -8.75 -9.12 6.82
O4' ADP S . -8.84 -10.49 7.16
C3' ADP S . -7.57 -8.59 7.62
O3' ADP S . -8.14 -8.05 8.81
C2' ADP S . -6.74 -9.79 8.01
O2' ADP S . -6.21 -9.61 9.31
C1' ADP S . -7.80 -10.86 8.09
N9 ADP S . -7.34 -12.19 7.69
C8 ADP S . -6.85 -12.52 6.48
N7 ADP S . -6.58 -13.84 6.43
C5 ADP S . -6.94 -14.37 7.61
C6 ADP S . -6.93 -15.70 8.22
N6 ADP S . -6.47 -16.77 7.51
N1 ADP S . -7.37 -15.82 9.49
C2 ADP S . -7.82 -14.78 10.19
N3 ADP S . -7.87 -13.53 9.70
C4 ADP S . -7.43 -13.27 8.45
S SO4 T . 26.48 -8.01 -7.25
O1 SO4 T . 25.56 -7.43 -8.24
O2 SO4 T . 27.41 -6.96 -6.83
O3 SO4 T . 25.79 -8.52 -6.05
O4 SO4 T . 27.24 -9.10 -7.86
S SO4 U . -3.77 -20.47 16.12
O1 SO4 U . -4.69 -19.33 15.94
O2 SO4 U . -2.38 -20.02 16.01
O3 SO4 U . -3.95 -21.10 17.43
O4 SO4 U . -4.06 -21.47 15.09
S SO4 V . 11.72 -24.90 11.90
O1 SO4 V . 11.07 -23.79 12.60
O2 SO4 V . 12.54 -24.38 10.81
O3 SO4 V . 12.58 -25.62 12.85
O4 SO4 V . 10.72 -25.80 11.36
S SO4 W . 9.77 9.52 -22.05
O1 SO4 W . 8.85 9.96 -20.99
O2 SO4 W . 10.32 10.68 -22.74
O3 SO4 W . 9.04 8.70 -23.00
O4 SO4 W . 10.87 8.75 -21.48
S SO4 X . -15.34 -10.92 16.00
O1 SO4 X . -16.05 -10.36 14.87
O2 SO4 X . -15.92 -10.40 17.24
O3 SO4 X . -15.47 -12.37 15.97
O4 SO4 X . -13.92 -10.57 15.94
CL CL Y . 0.64 -1.25 -2.17
C1 EDO Z . 14.88 -8.26 13.99
O1 EDO Z . 14.88 -9.66 14.35
C2 EDO Z . 13.55 -7.57 14.27
O2 EDO Z . 12.45 -8.45 13.99
S DMS AA . -20.16 12.11 -23.10
O DMS AA . -20.52 13.25 -22.21
C1 DMS AA . -18.93 12.63 -24.31
C2 DMS AA . -19.27 10.78 -22.26
#